data_5IDO
#
_entry.id   5IDO
#
_cell.length_a   59.350
_cell.length_b   66.340
_cell.length_c   128.910
_cell.angle_alpha   90.000
_cell.angle_beta   90.000
_cell.angle_gamma   90.000
#
_symmetry.space_group_name_H-M   'P 21 2 21'
#
loop_
_entity.id
_entity.type
_entity.pdbx_description
1 polymer "3' terminal uridylyl transferase"
2 non-polymer "URIDINE 5'-TRIPHOSPHATE"
3 non-polymer 'ZINC ION'
4 non-polymer 'MAGNESIUM ION'
5 water water
#
_entity_poly.entity_id   1
_entity_poly.type   'polypeptide(L)'
_entity_poly.pdbx_seq_one_letter_code
;MGVRLYSCDACPHAVFTTHAALLAHAEEHHADLLPDHARLRRIAQKLNPVWNRALNARRNTITSWGKKIFHVAAQRDAGE
SKMQEAHRARAQLECVVRRWHDKARVFIFGSSVAMGVWDGTADIDFAVVDVDAMERGSWPPLEKNAVRSITELLRRVGFS
FVNLEPISHARVPIIKHHASSPILTVARRDAEDVVARSIRFILNGPATREDRLLLEGSVRDAVGPTGVQQVWWNRTSDMM
SATLESTTAAVRAAMCSPALASASLRTKVQPAHDECRPELYNIDFALSFRAFGIRNSTLLRKYLLSHPCARPGAIVLKDW
SKTSGVNNSVNGYFTSYAINIMWIYYLVQKGYVPYVDPLEIPESLVNYTDFDPRYTPMIDPEITNTEREELYKAAGDMLV
GFFYFYSFEFDWGHNVISLNRPGITTKRMLGWHVEDVVPVASTSVSSGGGGSNVKRHPTRYELCIEDPYEENLNLGRHIG
VTKSLRVRTELYRGLLSLLKEGETRSCVFAAA
;
_entity_poly.pdbx_strand_id   A
#
# COMPACT_ATOMS: atom_id res chain seq x y z
N VAL A 3 -32.67 9.75 21.42
CA VAL A 3 -32.13 11.05 21.77
C VAL A 3 -30.66 10.93 22.18
N ARG A 4 -29.83 11.80 21.59
CA ARG A 4 -28.39 11.74 21.84
C ARG A 4 -27.72 13.09 21.61
N LEU A 5 -26.50 13.22 22.13
CA LEU A 5 -25.71 14.43 21.92
C LEU A 5 -25.14 14.47 20.50
N TYR A 6 -25.11 15.66 19.92
CA TYR A 6 -24.42 15.89 18.65
C TYR A 6 -23.53 17.12 18.75
N SER A 7 -22.22 16.91 18.82
CA SER A 7 -21.29 18.03 18.91
C SER A 7 -20.63 18.34 17.56
N CYS A 8 -20.36 19.62 17.34
CA CYS A 8 -19.70 20.05 16.11
C CYS A 8 -18.19 19.85 16.20
N ASP A 9 -17.53 19.83 15.04
CA ASP A 9 -16.09 19.67 15.01
C ASP A 9 -15.39 20.95 14.51
N ALA A 10 -16.19 21.97 14.24
CA ALA A 10 -15.68 23.23 13.70
C ALA A 10 -15.58 24.30 14.78
N CYS A 11 -16.18 24.03 15.92
CA CYS A 11 -16.09 24.91 17.09
C CYS A 11 -16.41 24.11 18.35
N PRO A 12 -15.77 24.45 19.47
CA PRO A 12 -15.88 23.63 20.68
C PRO A 12 -17.17 23.85 21.48
N HIS A 13 -17.98 24.83 21.09
CA HIS A 13 -19.17 25.17 21.87
C HIS A 13 -20.46 25.07 21.05
N ALA A 14 -20.78 23.87 20.59
CA ALA A 14 -22.00 23.64 19.84
C ALA A 14 -22.48 22.20 19.98
N VAL A 15 -23.65 22.03 20.61
CA VAL A 15 -24.24 20.71 20.78
C VAL A 15 -25.74 20.72 20.53
N PHE A 16 -26.24 19.63 19.96
CA PHE A 16 -27.65 19.52 19.62
C PHE A 16 -28.20 18.18 20.07
N THR A 17 -29.51 17.99 19.92
CA THR A 17 -30.13 16.73 20.29
C THR A 17 -30.74 16.03 19.06
N THR A 18 -30.49 16.61 17.88
CA THR A 18 -30.87 15.96 16.63
C THR A 18 -29.72 16.03 15.63
N HIS A 19 -29.80 15.22 14.58
CA HIS A 19 -28.75 15.20 13.57
C HIS A 19 -28.96 16.31 12.54
N ALA A 20 -30.22 16.55 12.21
CA ALA A 20 -30.59 17.58 11.25
C ALA A 20 -30.12 18.96 11.69
N ALA A 21 -30.20 19.22 13.00
CA ALA A 21 -29.76 20.49 13.55
C ALA A 21 -28.24 20.66 13.43
N LEU A 22 -27.51 19.58 13.69
CA LEU A 22 -26.05 19.60 13.58
C LEU A 22 -25.64 19.84 12.13
N LEU A 23 -26.44 19.37 11.19
CA LEU A 23 -26.18 19.60 9.78
C LEU A 23 -26.47 21.05 9.40
N ALA A 24 -27.65 21.53 9.79
CA ALA A 24 -28.06 22.90 9.51
C ALA A 24 -27.06 23.89 10.10
N HIS A 25 -26.60 23.58 11.31
CA HIS A 25 -25.58 24.39 11.96
C HIS A 25 -24.33 24.54 11.10
N ALA A 26 -23.77 23.42 10.67
CA ALA A 26 -22.58 23.43 9.82
C ALA A 26 -22.85 24.16 8.52
N GLU A 27 -24.04 23.97 7.97
CA GLU A 27 -24.41 24.60 6.70
C GLU A 27 -24.52 26.11 6.83
N GLU A 28 -24.93 26.57 8.01
CA GLU A 28 -25.18 27.99 8.25
C GLU A 28 -23.93 28.76 8.63
N HIS A 29 -23.39 28.47 9.81
CA HIS A 29 -22.27 29.25 10.34
C HIS A 29 -20.92 28.59 10.08
N HIS A 30 -20.85 27.67 9.13
CA HIS A 30 -19.58 27.05 8.75
C HIS A 30 -19.49 26.75 7.27
N ALA A 31 -20.23 27.52 6.48
CA ALA A 31 -20.23 27.35 5.03
C ALA A 31 -18.88 27.74 4.42
N ASP A 32 -17.98 28.26 5.24
CA ASP A 32 -16.65 28.63 4.77
C ASP A 32 -15.78 27.39 4.67
N LEU A 33 -16.04 26.42 5.56
CA LEU A 33 -15.29 25.17 5.55
C LEU A 33 -15.79 24.26 4.45
N LEU A 34 -17.05 24.44 4.07
CA LEU A 34 -17.67 23.63 3.03
C LEU A 34 -18.39 24.51 2.00
N PRO A 35 -17.63 25.33 1.27
CA PRO A 35 -18.22 26.36 0.38
C PRO A 35 -19.05 25.83 -0.77
N ASP A 36 -18.73 24.65 -1.28
CA ASP A 36 -19.37 24.17 -2.50
C ASP A 36 -20.44 23.10 -2.25
N HIS A 37 -20.59 22.68 -1.00
CA HIS A 37 -21.51 21.60 -0.66
C HIS A 37 -22.95 21.92 -1.06
N ALA A 38 -23.45 23.08 -0.64
CA ALA A 38 -24.83 23.47 -0.92
C ALA A 38 -25.09 23.59 -2.42
N ARG A 39 -24.16 24.22 -3.13
CA ARG A 39 -24.34 24.47 -4.56
C ARG A 39 -24.35 23.17 -5.36
N LEU A 40 -23.31 22.36 -5.21
CA LEU A 40 -23.18 21.12 -5.97
C LEU A 40 -24.30 20.13 -5.68
N ARG A 41 -24.75 20.11 -4.42
CA ARG A 41 -25.86 19.25 -4.00
C ARG A 41 -27.12 19.57 -4.79
N ARG A 42 -27.54 20.83 -4.73
CA ARG A 42 -28.72 21.30 -5.45
C ARG A 42 -28.60 20.97 -6.93
N ILE A 43 -27.43 21.24 -7.49
CA ILE A 43 -27.14 20.94 -8.88
C ILE A 43 -27.22 19.43 -9.15
N ALA A 44 -26.82 18.62 -8.17
CA ALA A 44 -26.85 17.17 -8.34
C ALA A 44 -28.25 16.59 -8.18
N GLN A 45 -29.06 17.21 -7.34
CA GLN A 45 -30.42 16.71 -7.06
C GLN A 45 -31.37 16.86 -8.24
N LYS A 46 -31.05 17.77 -9.16
CA LYS A 46 -31.88 18.00 -10.34
C LYS A 46 -31.80 16.82 -11.31
N LEU A 47 -30.69 16.08 -11.25
CA LEU A 47 -30.48 14.94 -12.14
C LEU A 47 -31.22 13.69 -11.69
N ASN A 48 -31.40 13.55 -10.38
CA ASN A 48 -31.98 12.34 -9.80
C ASN A 48 -33.32 11.89 -10.40
N PRO A 49 -34.29 12.81 -10.60
CA PRO A 49 -35.55 12.32 -11.18
C PRO A 49 -35.43 11.89 -12.65
N VAL A 50 -34.41 12.38 -13.35
CA VAL A 50 -34.20 12.02 -14.75
C VAL A 50 -32.88 11.26 -14.93
N TRP A 51 -32.44 10.60 -13.87
CA TRP A 51 -31.13 9.97 -13.83
C TRP A 51 -30.87 9.00 -14.98
N ASN A 52 -31.86 8.17 -15.28
CA ASN A 52 -31.69 7.17 -16.34
C ASN A 52 -31.69 7.81 -17.71
N ARG A 53 -32.40 8.93 -17.85
CA ARG A 53 -32.37 9.69 -19.09
C ARG A 53 -30.98 10.28 -19.30
N ALA A 54 -30.35 10.68 -18.19
CA ALA A 54 -29.03 11.27 -18.24
C ALA A 54 -27.98 10.25 -18.67
N LEU A 55 -28.06 9.04 -18.11
CA LEU A 55 -27.15 7.96 -18.49
C LEU A 55 -27.32 7.62 -19.97
N ASN A 56 -28.56 7.64 -20.43
CA ASN A 56 -28.87 7.44 -21.84
C ASN A 56 -28.18 8.50 -22.70
N ALA A 57 -28.43 9.77 -22.37
CA ALA A 57 -27.93 10.88 -23.17
C ALA A 57 -26.41 10.96 -23.16
N ARG A 58 -25.80 10.63 -22.03
CA ARG A 58 -24.35 10.81 -21.87
C ARG A 58 -23.57 9.50 -21.99
N ARG A 59 -24.19 8.49 -22.58
CA ARG A 59 -23.58 7.17 -22.72
C ARG A 59 -22.22 7.19 -23.44
N ASN A 60 -22.08 8.06 -24.43
CA ASN A 60 -20.82 8.18 -25.17
C ASN A 60 -19.73 8.77 -24.31
N THR A 61 -20.08 9.82 -23.56
CA THR A 61 -19.16 10.44 -22.63
C THR A 61 -18.71 9.45 -21.54
N ILE A 62 -19.68 8.73 -20.99
CA ILE A 62 -19.42 7.74 -19.94
C ILE A 62 -18.42 6.70 -20.43
N THR A 63 -18.69 6.14 -21.60
CA THR A 63 -17.81 5.16 -22.23
C THR A 63 -16.41 5.73 -22.47
N SER A 64 -16.34 6.98 -22.92
CA SER A 64 -15.05 7.64 -23.13
C SER A 64 -14.30 7.76 -21.82
N TRP A 65 -15.03 8.02 -20.73
CA TRP A 65 -14.41 8.02 -19.41
C TRP A 65 -13.92 6.62 -19.06
N GLY A 66 -14.67 5.60 -19.49
CA GLY A 66 -14.27 4.22 -19.28
C GLY A 66 -12.95 3.93 -19.96
N LYS A 67 -12.79 4.43 -21.18
CA LYS A 67 -11.52 4.31 -21.91
C LYS A 67 -10.39 4.98 -21.14
N LYS A 68 -10.66 6.17 -20.61
CA LYS A 68 -9.68 6.94 -19.87
C LYS A 68 -9.26 6.23 -18.60
N ILE A 69 -10.22 5.52 -17.98
CA ILE A 69 -9.95 4.74 -16.78
C ILE A 69 -8.95 3.62 -17.06
N PHE A 70 -9.16 2.89 -18.15
CA PHE A 70 -8.24 1.80 -18.49
C PHE A 70 -6.88 2.34 -18.93
N HIS A 71 -6.85 3.56 -19.47
CA HIS A 71 -5.58 4.17 -19.86
C HIS A 71 -4.75 4.58 -18.66
N VAL A 72 -5.42 5.20 -17.68
CA VAL A 72 -4.79 5.60 -16.43
C VAL A 72 -4.30 4.36 -15.67
N ALA A 73 -5.10 3.31 -15.68
CA ALA A 73 -4.75 2.06 -15.02
C ALA A 73 -3.55 1.40 -15.68
N ALA A 74 -3.52 1.43 -17.01
CA ALA A 74 -2.43 0.85 -17.78
C ALA A 74 -1.09 1.50 -17.45
N GLN A 75 -1.14 2.71 -16.89
CA GLN A 75 0.07 3.44 -16.54
C GLN A 75 0.77 2.81 -15.32
N ARG A 76 -0.01 2.39 -14.34
CA ARG A 76 0.55 1.79 -13.13
C ARG A 76 0.92 0.32 -13.32
N ASP A 77 0.62 -0.21 -14.50
CA ASP A 77 0.97 -1.59 -14.84
C ASP A 77 2.20 -1.62 -15.75
N ALA A 78 3.35 -1.90 -15.16
CA ALA A 78 4.62 -1.78 -15.87
C ALA A 78 5.16 -3.12 -16.37
N GLY A 79 4.32 -4.15 -16.39
CA GLY A 79 4.72 -5.44 -16.91
C GLY A 79 5.34 -6.36 -15.87
N GLU A 80 5.34 -7.66 -16.16
CA GLU A 80 5.81 -8.67 -15.23
C GLU A 80 7.27 -8.47 -14.83
N SER A 81 8.09 -8.00 -15.77
CA SER A 81 9.51 -7.81 -15.51
C SER A 81 9.76 -6.78 -14.42
N LYS A 82 8.95 -5.73 -14.39
CA LYS A 82 9.11 -4.66 -13.40
C LYS A 82 8.68 -5.16 -12.03
N MET A 83 7.60 -5.96 -12.00
CA MET A 83 7.17 -6.60 -10.77
C MET A 83 8.31 -7.45 -10.21
N GLN A 84 8.96 -8.22 -11.10
CA GLN A 84 10.00 -9.15 -10.67
C GLN A 84 11.19 -8.43 -10.05
N GLU A 85 11.33 -7.14 -10.34
CA GLU A 85 12.33 -6.32 -9.67
C GLU A 85 12.00 -6.20 -8.18
N ALA A 86 10.71 -6.11 -7.86
CA ALA A 86 10.29 -6.03 -6.47
C ALA A 86 10.54 -7.35 -5.74
N HIS A 87 10.38 -8.46 -6.44
CA HIS A 87 10.61 -9.78 -5.87
C HIS A 87 12.06 -9.97 -5.48
N ARG A 88 12.95 -9.56 -6.38
CA ARG A 88 14.38 -9.69 -6.15
C ARG A 88 14.81 -8.81 -4.99
N ALA A 89 14.27 -7.59 -4.93
CA ALA A 89 14.52 -6.70 -3.81
C ALA A 89 14.06 -7.31 -2.50
N ARG A 90 12.95 -8.05 -2.55
CA ARG A 90 12.43 -8.72 -1.38
C ARG A 90 13.40 -9.81 -0.91
N ALA A 91 13.91 -10.59 -1.86
CA ALA A 91 14.87 -11.64 -1.56
C ALA A 91 16.16 -11.07 -0.98
N GLN A 92 16.62 -9.97 -1.57
CA GLN A 92 17.83 -9.30 -1.10
C GLN A 92 17.68 -8.81 0.34
N LEU A 93 16.51 -8.26 0.66
CA LEU A 93 16.26 -7.80 2.02
C LEU A 93 16.22 -8.97 2.98
N GLU A 94 15.69 -10.10 2.52
CA GLU A 94 15.56 -11.27 3.39
C GLU A 94 16.91 -11.79 3.82
N CYS A 95 17.89 -11.74 2.90
CA CYS A 95 19.26 -12.09 3.22
C CYS A 95 19.82 -11.18 4.31
N VAL A 96 19.46 -9.90 4.26
CA VAL A 96 19.96 -8.96 5.25
C VAL A 96 19.34 -9.24 6.62
N VAL A 97 18.02 -9.31 6.68
CA VAL A 97 17.33 -9.45 7.96
C VAL A 97 17.56 -10.82 8.63
N ARG A 98 17.93 -11.84 7.87
CA ARG A 98 18.15 -13.17 8.44
C ARG A 98 19.44 -13.20 9.24
N ARG A 99 20.31 -12.22 9.00
CA ARG A 99 21.52 -12.07 9.79
C ARG A 99 21.15 -11.61 11.19
N TRP A 100 20.08 -10.83 11.29
CA TRP A 100 19.58 -10.32 12.56
C TRP A 100 18.73 -11.35 13.29
N HIS A 101 17.92 -12.08 12.54
CA HIS A 101 17.07 -13.12 13.12
C HIS A 101 16.80 -14.17 12.05
N ASP A 102 17.42 -15.34 12.22
CA ASP A 102 17.47 -16.35 11.15
C ASP A 102 16.10 -16.84 10.69
N LYS A 103 15.13 -16.86 11.59
CA LYS A 103 13.82 -17.41 11.25
C LYS A 103 12.85 -16.35 10.71
N ALA A 104 13.35 -15.13 10.54
CA ALA A 104 12.53 -14.07 9.97
C ALA A 104 12.45 -14.20 8.46
N ARG A 105 11.28 -13.92 7.90
CA ARG A 105 11.09 -13.92 6.46
C ARG A 105 10.49 -12.59 6.03
N VAL A 106 10.65 -12.23 4.76
CA VAL A 106 10.17 -10.94 4.28
C VAL A 106 8.91 -11.09 3.42
N PHE A 107 7.85 -10.42 3.86
CA PHE A 107 6.57 -10.44 3.16
C PHE A 107 6.31 -9.07 2.52
N ILE A 108 6.07 -9.05 1.21
CA ILE A 108 5.59 -7.82 0.58
C ILE A 108 4.09 -7.68 0.85
N PHE A 109 3.65 -6.49 1.22
CA PHE A 109 2.21 -6.21 1.25
C PHE A 109 1.94 -4.83 0.64
N GLY A 110 0.68 -4.45 0.57
CA GLY A 110 0.32 -3.16 -0.03
C GLY A 110 -0.22 -3.26 -1.44
N SER A 111 -0.01 -2.19 -2.22
CA SER A 111 -0.64 -2.05 -3.53
C SER A 111 -0.23 -3.13 -4.54
N SER A 112 1.04 -3.54 -4.50
CA SER A 112 1.52 -4.57 -5.42
C SER A 112 0.76 -5.88 -5.21
N VAL A 113 0.38 -6.15 -3.98
CA VAL A 113 -0.47 -7.31 -3.69
C VAL A 113 -1.89 -6.99 -4.14
N ALA A 114 -2.43 -5.88 -3.65
CA ALA A 114 -3.80 -5.45 -3.95
C ALA A 114 -4.10 -5.35 -5.45
N MET A 115 -3.18 -4.75 -6.20
CA MET A 115 -3.42 -4.47 -7.62
C MET A 115 -2.83 -5.53 -8.55
N GLY A 116 -1.92 -6.36 -8.02
CA GLY A 116 -1.32 -7.39 -8.83
C GLY A 116 -0.38 -6.85 -9.89
N VAL A 117 -0.05 -5.56 -9.77
CA VAL A 117 0.94 -4.91 -10.62
C VAL A 117 1.73 -3.94 -9.78
N TRP A 118 2.84 -3.47 -10.32
CA TRP A 118 3.63 -2.44 -9.68
C TRP A 118 4.16 -1.52 -10.78
N ASP A 119 4.15 -0.21 -10.53
CA ASP A 119 4.51 0.76 -11.56
C ASP A 119 6.01 1.02 -11.60
N GLY A 120 6.69 0.82 -10.47
CA GLY A 120 8.13 1.02 -10.39
C GLY A 120 8.51 2.24 -9.58
N THR A 121 7.51 2.95 -9.06
CA THR A 121 7.74 4.19 -8.32
C THR A 121 7.14 4.12 -6.91
N ALA A 122 5.90 3.65 -6.84
CA ALA A 122 5.17 3.55 -5.57
C ALA A 122 5.93 2.71 -4.53
N ASP A 123 5.95 3.21 -3.30
CA ASP A 123 6.56 2.53 -2.17
C ASP A 123 6.22 1.04 -2.08
N ILE A 124 7.23 0.23 -1.77
CA ILE A 124 7.01 -1.18 -1.48
C ILE A 124 6.94 -1.37 0.02
N ASP A 125 5.88 -2.01 0.51
CA ASP A 125 5.75 -2.31 1.92
C ASP A 125 6.38 -3.67 2.26
N PHE A 126 7.37 -3.66 3.14
CA PHE A 126 7.99 -4.90 3.60
C PHE A 126 7.56 -5.24 5.01
N ALA A 127 7.18 -6.50 5.21
CA ALA A 127 6.87 -7.01 6.54
C ALA A 127 7.85 -8.12 6.90
N VAL A 128 8.46 -8.01 8.08
CA VAL A 128 9.46 -8.98 8.55
C VAL A 128 8.90 -9.76 9.74
N VAL A 129 8.59 -11.04 9.52
CA VAL A 129 7.93 -11.86 10.54
C VAL A 129 8.60 -13.22 10.72
N ASP A 130 8.79 -13.62 11.97
CA ASP A 130 9.07 -15.02 12.32
C ASP A 130 7.72 -15.71 12.48
N VAL A 131 7.35 -16.53 11.50
CA VAL A 131 6.03 -17.17 11.48
C VAL A 131 5.80 -18.05 12.70
N ASP A 132 6.81 -18.86 13.02
CA ASP A 132 6.78 -19.73 14.20
C ASP A 132 6.52 -18.94 15.48
N ALA A 133 7.31 -17.89 15.69
CA ALA A 133 7.19 -17.07 16.88
C ALA A 133 5.83 -16.37 16.93
N MET A 134 5.33 -15.99 15.77
CA MET A 134 4.01 -15.36 15.68
C MET A 134 2.92 -16.33 16.14
N GLU A 135 3.06 -17.59 15.75
CA GLU A 135 2.14 -18.63 16.18
C GLU A 135 2.14 -18.81 17.71
N ARG A 136 3.32 -18.69 18.31
CA ARG A 136 3.46 -18.83 19.75
C ARG A 136 2.96 -17.59 20.49
N GLY A 137 2.72 -16.52 19.72
CA GLY A 137 2.28 -15.25 20.28
C GLY A 137 3.46 -14.43 20.79
N SER A 138 4.60 -14.54 20.12
CA SER A 138 5.80 -13.84 20.55
C SER A 138 6.46 -13.06 19.43
N TRP A 139 5.63 -12.45 18.59
CA TRP A 139 6.15 -11.58 17.52
C TRP A 139 5.31 -10.33 17.44
N PRO A 140 5.95 -9.16 17.25
CA PRO A 140 7.40 -8.95 17.07
C PRO A 140 8.18 -8.75 18.37
N PRO A 141 9.51 -8.79 18.31
CA PRO A 141 10.33 -8.40 19.47
C PRO A 141 10.21 -6.91 19.75
N LEU A 142 11.02 -6.39 20.67
CA LEU A 142 10.99 -4.96 20.97
C LEU A 142 11.37 -4.16 19.73
N GLU A 143 10.36 -3.60 19.06
CA GLU A 143 10.50 -3.06 17.71
C GLU A 143 11.49 -1.91 17.60
N LYS A 144 11.63 -1.14 18.68
CA LYS A 144 12.63 -0.08 18.73
C LYS A 144 14.03 -0.66 18.52
N ASN A 145 14.29 -1.82 19.12
CA ASN A 145 15.60 -2.44 19.01
C ASN A 145 15.79 -3.11 17.64
N ALA A 146 14.73 -3.71 17.12
CA ALA A 146 14.78 -4.33 15.80
C ALA A 146 15.09 -3.31 14.71
N VAL A 147 14.53 -2.10 14.85
CA VAL A 147 14.75 -1.04 13.87
C VAL A 147 16.22 -0.64 13.80
N ARG A 148 16.83 -0.41 14.96
CA ARG A 148 18.22 0.01 15.00
C ARG A 148 19.16 -1.11 14.52
N SER A 149 18.80 -2.35 14.81
CA SER A 149 19.60 -3.50 14.39
C SER A 149 19.62 -3.67 12.87
N ILE A 150 18.45 -3.67 12.24
CA ILE A 150 18.38 -3.85 10.79
C ILE A 150 18.99 -2.66 10.08
N THR A 151 18.76 -1.47 10.64
CA THR A 151 19.35 -0.24 10.14
C THR A 151 20.86 -0.39 10.04
N GLU A 152 21.49 -0.83 11.12
CA GLU A 152 22.95 -0.97 11.13
C GLU A 152 23.42 -2.05 10.18
N LEU A 153 22.58 -3.06 9.94
CA LEU A 153 22.91 -4.11 8.99
C LEU A 153 22.89 -3.60 7.56
N LEU A 154 21.93 -2.72 7.26
CA LEU A 154 21.82 -2.15 5.92
C LEU A 154 22.98 -1.19 5.67
N ARG A 155 23.33 -0.40 6.67
CA ARG A 155 24.43 0.54 6.55
C ARG A 155 25.75 -0.14 6.18
N ARG A 156 25.97 -1.32 6.74
CA ARG A 156 27.23 -2.03 6.54
C ARG A 156 27.32 -2.65 5.16
N VAL A 157 26.16 -2.91 4.55
CA VAL A 157 26.11 -3.50 3.23
C VAL A 157 26.09 -2.39 2.17
N GLY A 158 26.13 -1.14 2.62
CA GLY A 158 26.29 -0.02 1.71
C GLY A 158 25.24 1.07 1.72
N PHE A 159 24.17 0.88 2.47
CA PHE A 159 23.11 1.88 2.54
C PHE A 159 23.57 3.12 3.29
N SER A 160 23.45 4.28 2.65
CA SER A 160 23.89 5.54 3.24
C SER A 160 22.82 6.11 4.17
N PHE A 161 23.26 6.92 5.13
CA PHE A 161 22.37 7.60 6.06
C PHE A 161 21.47 8.58 5.33
N VAL A 162 21.92 8.99 4.13
CA VAL A 162 21.16 9.90 3.29
C VAL A 162 19.80 9.28 2.90
N ASN A 163 19.81 7.97 2.68
CA ASN A 163 18.62 7.28 2.17
C ASN A 163 17.89 6.48 3.23
N LEU A 164 18.57 6.17 4.31
CA LEU A 164 18.05 5.28 5.33
C LEU A 164 17.52 6.06 6.53
N GLU A 165 16.23 5.94 6.80
CA GLU A 165 15.64 6.64 7.94
C GLU A 165 14.98 5.66 8.91
N PRO A 166 15.66 5.37 10.02
CA PRO A 166 15.07 4.58 11.10
C PRO A 166 14.04 5.39 11.87
N ILE A 167 12.86 4.82 12.07
CA ILE A 167 11.81 5.48 12.85
C ILE A 167 11.54 4.65 14.10
N SER A 168 12.50 4.65 15.00
CA SER A 168 12.45 3.80 16.20
C SER A 168 11.34 4.20 17.16
N HIS A 169 11.15 5.51 17.34
CA HIS A 169 10.17 6.00 18.28
C HIS A 169 8.90 6.51 17.60
N ALA A 170 8.08 5.58 17.13
CA ALA A 170 6.79 5.86 16.54
C ALA A 170 5.79 4.87 17.09
N ARG A 171 4.50 5.04 16.77
CA ARG A 171 3.48 4.08 17.19
C ARG A 171 3.81 2.71 16.62
N VAL A 172 4.10 2.68 15.32
CA VAL A 172 4.62 1.49 14.68
C VAL A 172 6.03 1.78 14.20
N PRO A 173 7.03 1.32 14.96
CA PRO A 173 8.44 1.50 14.59
C PRO A 173 8.74 0.85 13.24
N ILE A 174 9.25 1.66 12.30
CA ILE A 174 9.60 1.15 10.98
C ILE A 174 10.94 1.69 10.51
N ILE A 175 11.40 1.16 9.39
CA ILE A 175 12.53 1.72 8.68
C ILE A 175 12.01 2.25 7.35
N LYS A 176 12.40 3.46 6.97
CA LYS A 176 12.03 3.97 5.66
C LYS A 176 13.27 4.20 4.83
N HIS A 177 13.27 3.65 3.62
CA HIS A 177 14.35 3.90 2.69
C HIS A 177 13.89 4.83 1.58
N HIS A 178 14.57 5.96 1.46
CA HIS A 178 14.26 6.95 0.44
C HIS A 178 15.29 6.88 -0.67
N ALA A 179 14.95 6.20 -1.76
CA ALA A 179 15.89 6.01 -2.87
C ALA A 179 16.18 7.33 -3.57
N SER A 180 17.43 7.49 -3.99
CA SER A 180 17.87 8.65 -4.76
C SER A 180 17.46 8.50 -6.23
N SER A 181 17.43 9.61 -6.96
CA SER A 181 17.17 9.56 -8.39
C SER A 181 18.47 9.47 -9.16
N PRO A 182 18.57 8.50 -10.09
CA PRO A 182 19.77 8.26 -10.90
C PRO A 182 20.18 9.48 -11.71
N ASP A 193 26.31 -3.17 -17.32
CA ASP A 193 25.63 -3.21 -16.03
C ASP A 193 25.92 -4.51 -15.29
N VAL A 194 27.13 -5.03 -15.48
CA VAL A 194 27.58 -6.21 -14.76
C VAL A 194 27.98 -5.79 -13.35
N VAL A 195 28.14 -4.48 -13.16
CA VAL A 195 28.59 -3.92 -11.90
C VAL A 195 27.46 -3.88 -10.85
N ALA A 196 26.23 -4.01 -11.30
CA ALA A 196 25.09 -4.01 -10.37
C ALA A 196 25.16 -5.27 -9.51
N ARG A 197 25.67 -6.34 -10.09
CA ARG A 197 25.89 -7.58 -9.34
C ARG A 197 27.36 -7.75 -9.00
N SER A 198 28.06 -6.63 -8.81
CA SER A 198 29.47 -6.65 -8.42
C SER A 198 29.70 -5.89 -7.12
N ILE A 199 30.50 -6.48 -6.24
CA ILE A 199 30.80 -5.88 -4.95
C ILE A 199 32.30 -5.73 -4.72
N ARG A 200 32.68 -4.83 -3.83
CA ARG A 200 34.09 -4.67 -3.48
C ARG A 200 34.28 -4.86 -1.99
N PHE A 201 35.34 -5.58 -1.63
CA PHE A 201 35.70 -5.75 -0.23
C PHE A 201 36.91 -4.89 0.11
N ILE A 202 36.76 -4.00 1.08
CA ILE A 202 37.86 -3.18 1.55
C ILE A 202 38.40 -3.73 2.86
N LEU A 203 39.67 -4.11 2.86
CA LEU A 203 40.31 -4.67 4.05
C LEU A 203 41.15 -3.62 4.76
N ASN A 204 41.28 -3.75 6.07
CA ASN A 204 42.04 -2.80 6.88
C ASN A 204 43.52 -3.16 6.96
N GLY A 205 43.98 -3.94 5.98
CA GLY A 205 45.36 -4.38 5.92
C GLY A 205 45.56 -5.38 4.80
N PRO A 206 46.82 -5.78 4.57
CA PRO A 206 47.15 -6.75 3.53
C PRO A 206 46.68 -8.16 3.88
N ALA A 207 46.13 -8.85 2.91
CA ALA A 207 45.69 -10.23 3.11
C ALA A 207 46.76 -11.20 2.65
N THR A 208 47.04 -12.21 3.48
CA THR A 208 47.94 -13.29 3.08
C THR A 208 47.28 -14.15 2.01
N ARG A 209 48.00 -15.15 1.52
CA ARG A 209 47.43 -16.09 0.55
C ARG A 209 46.29 -16.87 1.19
N GLU A 210 46.49 -17.25 2.44
CA GLU A 210 45.47 -18.00 3.18
C GLU A 210 44.25 -17.11 3.44
N ASP A 211 44.50 -15.86 3.78
CA ASP A 211 43.43 -14.89 3.99
C ASP A 211 42.56 -14.76 2.76
N ARG A 212 43.20 -14.62 1.59
CA ARG A 212 42.46 -14.41 0.35
C ARG A 212 41.57 -15.61 0.03
N LEU A 213 42.06 -16.81 0.26
CA LEU A 213 41.29 -18.02 0.03
C LEU A 213 40.10 -18.10 1.00
N LEU A 214 40.32 -17.66 2.24
CA LEU A 214 39.26 -17.68 3.24
C LEU A 214 38.12 -16.73 2.88
N LEU A 215 38.46 -15.55 2.37
CA LEU A 215 37.45 -14.58 1.98
C LEU A 215 36.64 -15.11 0.79
N GLU A 216 37.34 -15.52 -0.27
CA GLU A 216 36.68 -16.07 -1.45
C GLU A 216 35.78 -17.25 -1.06
N GLY A 217 36.28 -18.08 -0.17
CA GLY A 217 35.53 -19.23 0.32
C GLY A 217 34.27 -18.84 1.08
N SER A 218 34.37 -17.80 1.91
CA SER A 218 33.22 -17.31 2.65
C SER A 218 32.16 -16.81 1.66
N VAL A 219 32.63 -16.14 0.61
CA VAL A 219 31.74 -15.65 -0.43
C VAL A 219 31.14 -16.80 -1.23
N ARG A 220 31.97 -17.75 -1.63
CA ARG A 220 31.52 -18.89 -2.41
C ARG A 220 30.47 -19.69 -1.64
N ASP A 221 30.67 -19.82 -0.33
CA ASP A 221 29.71 -20.51 0.53
C ASP A 221 28.40 -19.75 0.64
N ALA A 222 28.46 -18.43 0.49
CA ALA A 222 27.29 -17.58 0.67
C ALA A 222 26.29 -17.68 -0.47
N VAL A 223 26.76 -18.07 -1.65
CA VAL A 223 25.91 -18.05 -2.83
C VAL A 223 25.70 -19.42 -3.48
N GLY A 224 26.55 -20.38 -3.12
CA GLY A 224 26.44 -21.71 -3.69
C GLY A 224 27.33 -21.92 -4.90
N PRO A 225 27.19 -23.09 -5.54
CA PRO A 225 28.03 -23.59 -6.64
C PRO A 225 28.24 -22.63 -7.81
N THR A 226 27.17 -21.98 -8.28
CA THR A 226 27.26 -21.18 -9.50
C THR A 226 27.33 -19.68 -9.19
N GLY A 227 27.16 -19.32 -7.92
CA GLY A 227 27.00 -17.93 -7.52
C GLY A 227 28.11 -16.95 -7.90
N VAL A 228 29.34 -17.44 -8.01
CA VAL A 228 30.48 -16.57 -8.30
C VAL A 228 30.89 -16.67 -9.76
N GLN A 229 31.10 -15.52 -10.40
CA GLN A 229 31.52 -15.51 -11.81
C GLN A 229 33.01 -15.21 -11.93
N GLN A 230 33.48 -14.22 -11.19
CA GLN A 230 34.91 -13.96 -11.10
C GLN A 230 35.26 -13.12 -9.88
N VAL A 231 36.54 -13.19 -9.51
CA VAL A 231 37.07 -12.53 -8.33
C VAL A 231 38.46 -12.00 -8.66
N TRP A 232 38.78 -10.79 -8.21
CA TRP A 232 40.14 -10.29 -8.41
C TRP A 232 40.59 -9.37 -7.29
N TRP A 233 41.85 -9.53 -6.88
CA TRP A 233 42.45 -8.71 -5.84
C TRP A 233 43.31 -7.60 -6.44
N ASN A 234 43.41 -6.48 -5.73
CA ASN A 234 44.33 -5.43 -6.14
C ASN A 234 45.77 -5.84 -5.80
N ARG A 235 46.73 -5.02 -6.21
CA ARG A 235 48.14 -5.40 -6.09
C ARG A 235 48.65 -5.37 -4.66
N THR A 236 47.91 -4.73 -3.76
CA THR A 236 48.31 -4.65 -2.36
C THR A 236 47.60 -5.67 -1.47
N SER A 237 46.79 -6.53 -2.11
CA SER A 237 46.06 -7.58 -1.41
C SER A 237 45.19 -7.06 -0.28
N ASP A 238 44.67 -5.84 -0.44
CA ASP A 238 43.82 -5.22 0.58
C ASP A 238 42.47 -4.81 0.01
N MET A 239 42.12 -5.39 -1.13
CA MET A 239 40.87 -5.08 -1.81
C MET A 239 40.50 -6.23 -2.75
N MET A 240 39.32 -6.80 -2.56
CA MET A 240 38.87 -7.87 -3.43
C MET A 240 37.50 -7.57 -4.00
N SER A 241 37.43 -7.48 -5.33
CA SER A 241 36.16 -7.26 -6.01
C SER A 241 35.60 -8.60 -6.47
N ALA A 242 34.28 -8.70 -6.53
CA ALA A 242 33.63 -9.94 -6.92
C ALA A 242 32.44 -9.67 -7.84
N THR A 243 32.27 -10.52 -8.84
CA THR A 243 31.11 -10.45 -9.71
C THR A 243 30.26 -11.70 -9.50
N LEU A 244 29.03 -11.50 -9.09
CA LEU A 244 28.13 -12.62 -8.78
C LEU A 244 27.19 -12.89 -9.96
N GLU A 245 26.45 -13.99 -9.89
CA GLU A 245 25.57 -14.37 -10.98
C GLU A 245 24.36 -13.43 -11.08
N SER A 246 23.92 -12.93 -9.93
CA SER A 246 22.73 -12.08 -9.90
C SER A 246 22.89 -10.94 -8.89
N THR A 247 22.03 -9.94 -9.03
CA THR A 247 21.96 -8.84 -8.07
C THR A 247 21.62 -9.37 -6.68
N THR A 248 20.75 -10.36 -6.64
CA THR A 248 20.39 -11.00 -5.38
C THR A 248 21.59 -11.76 -4.80
N ALA A 249 22.31 -12.47 -5.67
CA ALA A 249 23.52 -13.16 -5.25
C ALA A 249 24.56 -12.17 -4.73
N ALA A 250 24.54 -10.96 -5.28
CA ALA A 250 25.48 -9.92 -4.89
C ALA A 250 25.23 -9.42 -3.46
N VAL A 251 23.97 -9.43 -3.05
CA VAL A 251 23.62 -9.04 -1.69
C VAL A 251 23.88 -10.21 -0.75
N ARG A 252 23.60 -11.43 -1.24
CA ARG A 252 23.95 -12.63 -0.51
C ARG A 252 25.43 -12.66 -0.17
N ALA A 253 26.27 -12.41 -1.18
CA ALA A 253 27.72 -12.41 -1.01
C ALA A 253 28.17 -11.30 -0.08
N ALA A 254 27.50 -10.16 -0.16
CA ALA A 254 27.86 -9.01 0.67
C ALA A 254 27.49 -9.27 2.14
N MET A 255 26.57 -10.19 2.37
CA MET A 255 26.13 -10.50 3.73
C MET A 255 26.97 -11.59 4.38
N CYS A 256 28.03 -12.05 3.72
CA CYS A 256 28.87 -13.09 4.29
C CYS A 256 29.70 -12.52 5.44
N SER A 257 29.86 -13.30 6.51
CA SER A 257 30.73 -12.91 7.60
C SER A 257 32.01 -13.73 7.57
N PRO A 258 33.06 -13.19 6.95
CA PRO A 258 34.31 -13.93 6.73
C PRO A 258 35.15 -14.09 8.00
N ALA A 259 35.65 -15.30 8.21
CA ALA A 259 36.56 -15.58 9.32
C ALA A 259 37.97 -15.73 8.77
N LEU A 260 38.71 -14.64 8.76
CA LEU A 260 40.05 -14.62 8.16
C LEU A 260 41.06 -15.17 9.14
N ALA A 261 42.29 -15.40 8.66
CA ALA A 261 43.33 -15.99 9.50
C ALA A 261 44.10 -14.91 10.25
N SER A 262 44.47 -13.85 9.54
CA SER A 262 45.25 -12.77 10.14
C SER A 262 44.46 -12.03 11.21
N ALA A 263 45.02 -11.96 12.41
CA ALA A 263 44.40 -11.28 13.53
C ALA A 263 44.15 -9.81 13.23
N SER A 264 42.96 -9.34 13.61
CA SER A 264 42.51 -7.96 13.44
C SER A 264 42.35 -7.55 11.97
N LEU A 265 42.46 -8.49 11.06
CA LEU A 265 42.18 -8.22 9.65
C LEU A 265 40.68 -8.26 9.42
N ARG A 266 40.09 -7.10 9.15
CA ARG A 266 38.64 -7.01 8.94
C ARG A 266 38.31 -6.51 7.54
N THR A 267 37.06 -6.68 7.14
CA THR A 267 36.61 -6.29 5.81
C THR A 267 35.41 -5.33 5.89
N LYS A 268 35.32 -4.45 4.92
CA LYS A 268 34.11 -3.66 4.67
C LYS A 268 33.62 -3.98 3.26
N VAL A 269 32.31 -3.93 3.06
CA VAL A 269 31.75 -4.37 1.79
C VAL A 269 30.65 -3.42 1.29
N GLN A 270 30.59 -3.26 -0.03
CA GLN A 270 29.58 -2.43 -0.66
C GLN A 270 29.49 -2.77 -2.15
N PRO A 271 28.37 -2.41 -2.81
CA PRO A 271 28.30 -2.54 -4.27
C PRO A 271 29.43 -1.79 -4.96
N ALA A 272 29.95 -2.36 -6.04
CA ALA A 272 31.12 -1.80 -6.74
C ALA A 272 30.86 -0.40 -7.30
N HIS A 273 29.61 -0.11 -7.66
CA HIS A 273 29.27 1.20 -8.19
C HIS A 273 28.28 1.93 -7.27
N ASP A 274 28.33 3.25 -7.29
CA ASP A 274 27.54 4.08 -6.40
C ASP A 274 26.09 4.25 -6.85
N GLU A 275 25.84 4.09 -8.15
CA GLU A 275 24.50 4.32 -8.70
C GLU A 275 23.90 3.05 -9.31
N CYS A 276 24.75 2.24 -9.94
CA CYS A 276 24.31 0.98 -10.53
C CYS A 276 24.44 -0.15 -9.50
N ARG A 277 23.31 -0.54 -8.90
CA ARG A 277 23.29 -1.36 -7.69
C ARG A 277 22.12 -2.36 -7.74
N PRO A 278 22.11 -3.34 -6.81
CA PRO A 278 20.97 -4.25 -6.73
C PRO A 278 19.64 -3.53 -6.46
N GLU A 279 18.55 -4.17 -6.89
CA GLU A 279 17.21 -3.57 -6.84
C GLU A 279 16.90 -2.87 -5.51
N LEU A 280 17.20 -3.52 -4.39
CA LEU A 280 16.85 -3.01 -3.06
C LEU A 280 17.36 -1.59 -2.80
N TYR A 281 18.53 -1.26 -3.34
CA TYR A 281 19.12 0.07 -3.17
C TYR A 281 18.36 1.16 -3.94
N ASN A 282 17.59 0.74 -4.94
CA ASN A 282 17.01 1.69 -5.89
C ASN A 282 15.51 1.91 -5.74
N ILE A 283 14.89 1.28 -4.74
CA ILE A 283 13.45 1.43 -4.56
C ILE A 283 13.11 1.98 -3.18
N ASP A 284 12.12 2.87 -3.15
CA ASP A 284 11.57 3.35 -1.89
C ASP A 284 10.85 2.19 -1.21
N PHE A 285 11.10 1.99 0.08
CA PHE A 285 10.33 1.00 0.81
C PHE A 285 10.14 1.37 2.27
N ALA A 286 9.10 0.82 2.87
CA ALA A 286 8.90 0.88 4.32
C ALA A 286 9.03 -0.53 4.90
N LEU A 287 9.81 -0.67 5.95
CA LEU A 287 10.02 -1.98 6.58
C LEU A 287 9.40 -2.02 7.97
N SER A 288 8.42 -2.86 8.17
CA SER A 288 7.81 -3.02 9.49
C SER A 288 7.89 -4.47 9.95
N PHE A 289 7.45 -4.73 11.18
CA PHE A 289 7.64 -6.06 11.76
C PHE A 289 6.32 -6.72 12.12
N ARG A 290 5.21 -6.15 11.64
CA ARG A 290 3.90 -6.69 11.96
C ARG A 290 3.23 -7.29 10.73
N ALA A 291 2.25 -8.17 10.96
CA ALA A 291 1.62 -8.94 9.88
C ALA A 291 0.25 -8.40 9.50
N PHE A 292 -0.16 -7.32 10.14
CA PHE A 292 -1.51 -6.76 9.97
C PHE A 292 -1.83 -6.41 8.52
N GLY A 293 -0.82 -5.94 7.79
CA GLY A 293 -1.04 -5.49 6.42
C GLY A 293 -1.09 -6.62 5.41
N ILE A 294 -0.58 -7.79 5.80
CA ILE A 294 -0.54 -8.92 4.89
C ILE A 294 -1.95 -9.42 4.60
N ARG A 295 -2.71 -9.69 5.66
CA ARG A 295 -4.06 -10.24 5.50
C ARG A 295 -4.97 -9.24 4.78
N ASN A 296 -4.79 -7.96 5.11
CA ASN A 296 -5.51 -6.85 4.49
C ASN A 296 -5.43 -6.83 2.97
N SER A 297 -4.21 -6.79 2.48
CA SER A 297 -3.93 -6.70 1.06
C SER A 297 -4.45 -7.93 0.32
N THR A 298 -4.37 -9.09 0.97
CA THR A 298 -4.81 -10.33 0.35
C THR A 298 -6.33 -10.30 0.16
N LEU A 299 -7.04 -9.76 1.15
CA LEU A 299 -8.48 -9.60 1.04
C LEU A 299 -8.81 -8.66 -0.12
N LEU A 300 -8.10 -7.53 -0.17
CA LEU A 300 -8.33 -6.55 -1.23
C LEU A 300 -8.04 -7.15 -2.60
N ARG A 301 -6.95 -7.91 -2.67
CA ARG A 301 -6.56 -8.54 -3.92
C ARG A 301 -7.66 -9.43 -4.48
N LYS A 302 -8.18 -10.32 -3.65
CA LYS A 302 -9.22 -11.28 -4.06
C LYS A 302 -10.44 -10.57 -4.63
N TYR A 303 -10.88 -9.53 -3.93
CA TYR A 303 -11.97 -8.69 -4.39
C TYR A 303 -11.66 -8.03 -5.74
N LEU A 304 -10.55 -7.30 -5.80
CA LEU A 304 -10.26 -6.47 -6.96
C LEU A 304 -9.99 -7.30 -8.21
N LEU A 305 -9.65 -8.57 -8.03
CA LEU A 305 -9.43 -9.46 -9.17
C LEU A 305 -10.72 -10.11 -9.66
N SER A 306 -11.78 -10.05 -8.87
CA SER A 306 -13.03 -10.71 -9.25
C SER A 306 -13.85 -9.93 -10.30
N HIS A 307 -13.27 -8.86 -10.85
CA HIS A 307 -13.90 -8.14 -11.95
C HIS A 307 -12.86 -7.41 -12.79
N PRO A 308 -12.95 -7.52 -14.12
CA PRO A 308 -11.99 -6.90 -15.03
C PRO A 308 -11.85 -5.38 -14.86
N CYS A 309 -12.87 -4.73 -14.31
CA CYS A 309 -12.84 -3.27 -14.16
C CYS A 309 -12.58 -2.81 -12.73
N ALA A 310 -12.42 -3.75 -11.81
CA ALA A 310 -12.33 -3.42 -10.38
C ALA A 310 -11.03 -2.66 -10.03
N ARG A 311 -9.91 -3.14 -10.54
CA ARG A 311 -8.62 -2.49 -10.29
C ARG A 311 -8.45 -1.17 -11.04
N PRO A 312 -8.88 -1.11 -12.32
CA PRO A 312 -8.78 0.21 -12.95
C PRO A 312 -9.61 1.27 -12.23
N GLY A 313 -10.81 0.90 -11.78
CA GLY A 313 -11.65 1.84 -11.04
C GLY A 313 -11.02 2.23 -9.72
N ALA A 314 -10.42 1.26 -9.03
CA ALA A 314 -9.79 1.53 -7.75
C ALA A 314 -8.65 2.52 -7.94
N ILE A 315 -7.83 2.29 -8.96
CA ILE A 315 -6.69 3.16 -9.24
C ILE A 315 -7.15 4.57 -9.52
N VAL A 316 -8.21 4.71 -10.32
CA VAL A 316 -8.73 6.05 -10.61
C VAL A 316 -9.27 6.72 -9.36
N LEU A 317 -10.00 5.97 -8.54
CA LEU A 317 -10.62 6.54 -7.35
C LEU A 317 -9.57 7.00 -6.34
N LYS A 318 -8.48 6.25 -6.23
CA LYS A 318 -7.38 6.61 -5.35
C LYS A 318 -6.79 7.97 -5.73
N ASP A 319 -6.62 8.18 -7.03
CA ASP A 319 -6.08 9.44 -7.53
C ASP A 319 -7.06 10.57 -7.29
N TRP A 320 -8.33 10.34 -7.61
CA TRP A 320 -9.38 11.31 -7.36
C TRP A 320 -9.45 11.66 -5.87
N SER A 321 -9.40 10.64 -5.02
CA SER A 321 -9.53 10.86 -3.58
C SER A 321 -8.36 11.68 -3.03
N LYS A 322 -7.17 11.50 -3.59
CA LYS A 322 -6.02 12.30 -3.18
C LYS A 322 -6.13 13.75 -3.67
N THR A 323 -6.49 13.93 -4.94
CA THR A 323 -6.58 15.27 -5.52
C THR A 323 -7.74 16.07 -4.94
N SER A 324 -8.86 15.40 -4.69
CA SER A 324 -10.04 16.03 -4.11
C SER A 324 -9.86 16.34 -2.63
N GLY A 325 -8.90 15.67 -2.00
CA GLY A 325 -8.58 15.90 -0.61
C GLY A 325 -9.30 15.00 0.39
N VAL A 326 -10.07 14.02 -0.10
CA VAL A 326 -10.80 13.14 0.80
C VAL A 326 -9.90 11.98 1.24
N ASN A 327 -8.82 11.76 0.49
CA ASN A 327 -7.74 10.87 0.90
C ASN A 327 -6.61 11.72 1.47
N ASN A 328 -6.52 11.77 2.80
CA ASN A 328 -5.57 12.62 3.50
C ASN A 328 -5.57 12.25 4.98
N SER A 329 -4.82 11.22 5.34
CA SER A 329 -4.89 10.67 6.69
C SER A 329 -4.27 11.57 7.75
N VAL A 330 -3.14 12.19 7.42
CA VAL A 330 -2.46 13.13 8.31
C VAL A 330 -3.41 14.22 8.86
N ASN A 331 -4.38 14.63 8.05
CA ASN A 331 -5.33 15.63 8.48
C ASN A 331 -6.69 15.03 8.84
N GLY A 332 -6.71 13.71 9.05
CA GLY A 332 -7.88 13.04 9.58
C GLY A 332 -8.95 12.61 8.59
N TYR A 333 -8.60 12.54 7.31
CA TYR A 333 -9.53 12.06 6.30
C TYR A 333 -9.30 10.57 6.02
N PHE A 334 -9.78 10.10 4.87
CA PHE A 334 -9.65 8.70 4.51
C PHE A 334 -8.24 8.34 4.07
N THR A 335 -7.91 7.07 4.18
CA THR A 335 -6.70 6.53 3.58
C THR A 335 -7.05 5.91 2.24
N SER A 336 -6.04 5.55 1.46
CA SER A 336 -6.26 4.90 0.18
C SER A 336 -6.91 3.55 0.41
N TYR A 337 -6.52 2.92 1.51
CA TYR A 337 -7.09 1.66 1.96
C TYR A 337 -8.59 1.77 2.17
N ALA A 338 -9.01 2.82 2.85
CA ALA A 338 -10.43 3.08 3.10
C ALA A 338 -11.20 3.33 1.79
N ILE A 339 -10.56 4.00 0.84
CA ILE A 339 -11.19 4.27 -0.44
C ILE A 339 -11.47 2.96 -1.18
N ASN A 340 -10.51 2.05 -1.16
CA ASN A 340 -10.68 0.74 -1.77
C ASN A 340 -11.90 0.00 -1.20
N ILE A 341 -12.04 0.04 0.12
CA ILE A 341 -13.19 -0.57 0.78
C ILE A 341 -14.52 0.07 0.35
N MET A 342 -14.53 1.39 0.18
CA MET A 342 -15.71 2.10 -0.34
C MET A 342 -16.07 1.58 -1.72
N TRP A 343 -15.05 1.43 -2.55
CA TRP A 343 -15.18 0.97 -3.93
C TRP A 343 -15.68 -0.48 -3.94
N ILE A 344 -15.01 -1.33 -3.19
CA ILE A 344 -15.37 -2.74 -3.09
C ILE A 344 -16.76 -2.95 -2.50
N TYR A 345 -17.09 -2.18 -1.46
CA TYR A 345 -18.41 -2.27 -0.85
C TYR A 345 -19.51 -1.99 -1.86
N TYR A 346 -19.29 -0.95 -2.68
CA TYR A 346 -20.21 -0.58 -3.74
C TYR A 346 -20.32 -1.72 -4.76
N LEU A 347 -19.19 -2.29 -5.13
CA LEU A 347 -19.14 -3.41 -6.06
C LEU A 347 -19.95 -4.58 -5.54
N VAL A 348 -19.78 -4.86 -4.24
CA VAL A 348 -20.51 -5.93 -3.59
C VAL A 348 -22.01 -5.65 -3.58
N GLN A 349 -22.38 -4.50 -3.04
CA GLN A 349 -23.79 -4.19 -2.85
C GLN A 349 -24.55 -4.03 -4.16
N LYS A 350 -23.84 -3.76 -5.25
CA LYS A 350 -24.52 -3.61 -6.54
C LYS A 350 -24.35 -4.85 -7.44
N GLY A 351 -23.75 -5.90 -6.88
CA GLY A 351 -23.66 -7.18 -7.55
C GLY A 351 -22.60 -7.28 -8.64
N TYR A 352 -21.59 -6.43 -8.56
CA TYR A 352 -20.51 -6.47 -9.54
C TYR A 352 -19.49 -7.55 -9.22
N VAL A 353 -19.29 -7.80 -7.93
CA VAL A 353 -18.40 -8.86 -7.48
C VAL A 353 -19.05 -9.67 -6.35
N PRO A 354 -18.71 -10.96 -6.24
CA PRO A 354 -19.28 -11.79 -5.17
C PRO A 354 -18.71 -11.39 -3.81
N TYR A 355 -19.50 -11.55 -2.76
CA TYR A 355 -19.05 -11.25 -1.41
C TYR A 355 -17.91 -12.19 -1.00
N VAL A 356 -16.85 -11.61 -0.43
CA VAL A 356 -15.78 -12.41 0.15
C VAL A 356 -15.79 -12.25 1.68
N ASP A 357 -15.94 -13.36 2.38
CA ASP A 357 -15.88 -13.33 3.84
C ASP A 357 -14.44 -13.08 4.27
N PRO A 358 -14.22 -11.99 5.03
CA PRO A 358 -12.86 -11.64 5.47
C PRO A 358 -12.18 -12.77 6.24
N LEU A 359 -12.98 -13.53 7.01
CA LEU A 359 -12.43 -14.64 7.79
C LEU A 359 -11.92 -15.78 6.92
N GLU A 360 -12.30 -15.79 5.64
CA GLU A 360 -11.88 -16.87 4.74
C GLU A 360 -10.49 -16.60 4.16
N ILE A 361 -9.92 -15.46 4.52
CA ILE A 361 -8.50 -15.22 4.27
C ILE A 361 -7.74 -15.52 5.55
N PRO A 362 -6.88 -16.56 5.51
CA PRO A 362 -6.20 -17.09 6.70
C PRO A 362 -5.44 -16.03 7.49
N GLU A 363 -5.60 -16.05 8.81
CA GLU A 363 -4.86 -15.15 9.69
C GLU A 363 -3.43 -15.65 9.89
N SER A 364 -3.28 -16.97 9.95
CA SER A 364 -1.97 -17.58 10.14
C SER A 364 -1.16 -17.58 8.85
N LEU A 365 0.14 -17.36 8.96
CA LEU A 365 1.03 -17.34 7.81
C LEU A 365 1.77 -18.67 7.61
N VAL A 366 1.25 -19.75 8.17
CA VAL A 366 1.92 -21.05 8.09
C VAL A 366 1.96 -21.61 6.65
N ASN A 367 0.80 -21.66 6.00
CA ASN A 367 0.72 -22.20 4.65
C ASN A 367 1.06 -21.16 3.56
N TYR A 368 1.63 -20.04 3.97
CA TYR A 368 1.84 -18.90 3.06
C TYR A 368 2.82 -19.20 1.94
N THR A 369 2.38 -18.95 0.70
CA THR A 369 3.20 -19.22 -0.48
C THR A 369 3.56 -17.95 -1.26
N ASP A 370 2.78 -16.89 -1.09
CA ASP A 370 2.85 -15.74 -1.98
C ASP A 370 3.71 -14.59 -1.47
N PHE A 371 4.92 -14.91 -1.02
CA PHE A 371 5.90 -13.89 -0.62
C PHE A 371 6.07 -12.87 -1.74
N ASP A 372 6.18 -13.37 -2.97
CA ASP A 372 6.23 -12.55 -4.16
C ASP A 372 4.83 -12.38 -4.75
N PRO A 373 4.30 -11.15 -4.68
CA PRO A 373 2.97 -10.82 -5.21
C PRO A 373 2.82 -11.29 -6.64
N ARG A 374 1.84 -12.15 -6.88
CA ARG A 374 1.65 -12.72 -8.22
C ARG A 374 1.28 -11.62 -9.21
N TYR A 375 1.85 -11.70 -10.40
CA TYR A 375 1.60 -10.68 -11.39
C TYR A 375 0.35 -10.97 -12.23
N THR A 376 -0.53 -9.98 -12.30
CA THR A 376 -1.71 -10.09 -13.15
C THR A 376 -1.85 -8.81 -13.97
N PRO A 377 -1.71 -8.92 -15.29
CA PRO A 377 -1.77 -7.77 -16.20
C PRO A 377 -3.09 -7.00 -16.06
N MET A 378 -3.04 -5.68 -16.13
CA MET A 378 -4.20 -4.83 -15.87
C MET A 378 -5.34 -5.13 -16.84
N ILE A 379 -5.00 -5.49 -18.07
CA ILE A 379 -6.02 -5.94 -19.03
C ILE A 379 -5.53 -7.18 -19.78
N ASP A 380 -6.44 -8.11 -20.03
CA ASP A 380 -6.11 -9.32 -20.78
C ASP A 380 -5.70 -8.92 -22.19
N PRO A 381 -4.43 -9.20 -22.55
CA PRO A 381 -3.89 -8.83 -23.85
C PRO A 381 -4.64 -9.50 -25.01
N GLU A 382 -5.15 -10.69 -24.77
CA GLU A 382 -5.71 -11.50 -25.85
C GLU A 382 -7.22 -11.31 -26.07
N ILE A 383 -7.83 -10.33 -25.40
CA ILE A 383 -9.24 -10.06 -25.64
C ILE A 383 -9.45 -9.34 -26.96
N THR A 384 -10.68 -9.40 -27.45
CA THR A 384 -11.04 -8.78 -28.72
C THR A 384 -11.34 -7.29 -28.55
N ASN A 385 -11.38 -6.55 -29.65
CA ASN A 385 -11.69 -5.14 -29.59
C ASN A 385 -13.14 -4.92 -29.18
N THR A 386 -14.01 -5.82 -29.63
CA THR A 386 -15.41 -5.78 -29.21
C THR A 386 -15.53 -5.99 -27.71
N GLU A 387 -14.74 -6.91 -27.18
CA GLU A 387 -14.73 -7.15 -25.74
C GLU A 387 -14.13 -5.98 -24.99
N ARG A 388 -13.07 -5.41 -25.53
CA ARG A 388 -12.40 -4.27 -24.89
C ARG A 388 -13.33 -3.06 -24.82
N GLU A 389 -14.13 -2.86 -25.85
CA GLU A 389 -15.07 -1.74 -25.86
C GLU A 389 -16.17 -1.96 -24.84
N GLU A 390 -16.51 -3.22 -24.62
CA GLU A 390 -17.48 -3.58 -23.60
C GLU A 390 -16.96 -3.22 -22.20
N LEU A 391 -15.67 -3.43 -21.99
CA LEU A 391 -15.04 -3.11 -20.71
C LEU A 391 -15.00 -1.61 -20.46
N TYR A 392 -14.81 -0.84 -21.53
CA TYR A 392 -14.82 0.62 -21.41
C TYR A 392 -16.19 1.09 -20.97
N LYS A 393 -17.22 0.57 -21.60
CA LYS A 393 -18.59 0.90 -21.23
C LYS A 393 -18.85 0.51 -19.78
N ALA A 394 -18.44 -0.71 -19.44
CA ALA A 394 -18.62 -1.22 -18.08
C ALA A 394 -17.91 -0.36 -17.04
N ALA A 395 -16.65 -0.02 -17.32
CA ALA A 395 -15.85 0.78 -16.38
C ALA A 395 -16.46 2.15 -16.16
N GLY A 396 -16.95 2.76 -17.24
CA GLY A 396 -17.63 4.03 -17.15
C GLY A 396 -18.86 3.95 -16.28
N ASP A 397 -19.75 3.01 -16.60
CA ASP A 397 -20.97 2.81 -15.83
C ASP A 397 -20.68 2.57 -14.36
N MET A 398 -19.63 1.81 -14.08
CA MET A 398 -19.28 1.47 -12.70
C MET A 398 -18.75 2.66 -11.91
N LEU A 399 -17.96 3.51 -12.57
CA LEU A 399 -17.40 4.66 -11.86
C LEU A 399 -18.50 5.67 -11.58
N VAL A 400 -19.39 5.86 -12.56
CA VAL A 400 -20.54 6.75 -12.43
C VAL A 400 -21.50 6.26 -11.35
N GLY A 401 -21.72 4.95 -11.33
CA GLY A 401 -22.57 4.34 -10.33
C GLY A 401 -22.02 4.53 -8.93
N PHE A 402 -20.71 4.54 -8.80
CA PHE A 402 -20.04 4.73 -7.51
C PHE A 402 -20.40 6.08 -6.91
N PHE A 403 -20.22 7.14 -7.71
CA PHE A 403 -20.52 8.48 -7.25
C PHE A 403 -22.02 8.67 -7.08
N TYR A 404 -22.82 7.98 -7.89
CA TYR A 404 -24.26 8.06 -7.70
C TYR A 404 -24.68 7.33 -6.42
N PHE A 405 -24.10 6.16 -6.19
CA PHE A 405 -24.40 5.36 -5.01
C PHE A 405 -24.12 6.11 -3.71
N TYR A 406 -22.97 6.77 -3.65
CA TYR A 406 -22.58 7.44 -2.42
C TYR A 406 -23.12 8.87 -2.30
N SER A 407 -23.66 9.40 -3.39
CA SER A 407 -24.30 10.71 -3.33
C SER A 407 -25.75 10.56 -2.89
N PHE A 408 -26.44 9.57 -3.44
CA PHE A 408 -27.89 9.46 -3.26
C PHE A 408 -28.38 8.14 -2.66
N GLU A 409 -27.64 7.06 -2.85
CA GLU A 409 -28.14 5.73 -2.47
C GLU A 409 -27.77 5.31 -1.06
N PHE A 410 -26.47 5.33 -0.74
CA PHE A 410 -26.00 4.87 0.55
C PHE A 410 -26.44 5.79 1.70
N ASP A 411 -26.97 5.18 2.75
CA ASP A 411 -27.45 5.94 3.90
C ASP A 411 -26.30 6.24 4.85
N TRP A 412 -25.59 7.34 4.58
CA TRP A 412 -24.49 7.79 5.41
C TRP A 412 -24.92 8.02 6.85
N GLY A 413 -26.19 8.39 7.02
CA GLY A 413 -26.74 8.72 8.32
C GLY A 413 -26.85 7.55 9.29
N HIS A 414 -27.28 6.38 8.80
CA HIS A 414 -27.59 5.28 9.70
C HIS A 414 -26.87 3.97 9.38
N ASN A 415 -26.21 3.92 8.23
CA ASN A 415 -25.52 2.68 7.83
C ASN A 415 -24.01 2.78 7.85
N VAL A 416 -23.36 1.62 7.70
CA VAL A 416 -21.90 1.53 7.77
C VAL A 416 -21.34 0.84 6.55
N ILE A 417 -20.28 1.41 5.98
CA ILE A 417 -19.57 0.79 4.88
C ILE A 417 -18.71 -0.36 5.42
N SER A 418 -19.17 -1.59 5.19
CA SER A 418 -18.55 -2.76 5.83
C SER A 418 -18.52 -3.99 4.94
N LEU A 419 -17.37 -4.65 4.88
CA LEU A 419 -17.22 -5.90 4.16
C LEU A 419 -17.27 -7.10 5.11
N ASN A 420 -17.63 -6.85 6.37
CA ASN A 420 -17.63 -7.91 7.37
C ASN A 420 -18.86 -8.80 7.27
N ARG A 421 -19.86 -8.36 6.50
CA ARG A 421 -21.06 -9.14 6.25
C ARG A 421 -21.68 -8.69 4.93
N PRO A 422 -22.35 -9.62 4.22
CA PRO A 422 -22.88 -9.33 2.89
C PRO A 422 -24.07 -8.38 2.87
N GLY A 423 -24.81 -8.34 3.97
CA GLY A 423 -25.99 -7.49 4.07
C GLY A 423 -25.69 -6.15 4.71
N ILE A 424 -26.70 -5.30 4.78
CA ILE A 424 -26.58 -3.97 5.35
C ILE A 424 -26.03 -4.01 6.77
N THR A 425 -25.08 -3.12 7.05
CA THR A 425 -24.56 -2.95 8.41
C THR A 425 -24.98 -1.59 8.97
N THR A 426 -25.83 -1.59 9.99
CA THR A 426 -26.25 -0.35 10.60
C THR A 426 -25.22 0.12 11.60
N LYS A 427 -25.21 1.42 11.88
CA LYS A 427 -24.35 1.98 12.91
C LYS A 427 -24.64 1.35 14.27
N ARG A 428 -25.93 1.14 14.54
CA ARG A 428 -26.35 0.55 15.80
C ARG A 428 -25.70 -0.82 16.03
N MET A 429 -25.61 -1.60 14.96
CA MET A 429 -25.02 -2.94 15.02
C MET A 429 -23.60 -2.93 15.60
N LEU A 430 -22.84 -1.89 15.30
CA LEU A 430 -21.47 -1.79 15.79
C LEU A 430 -21.40 -0.90 17.03
N GLY A 431 -22.57 -0.39 17.45
CA GLY A 431 -22.64 0.52 18.57
C GLY A 431 -22.08 1.89 18.20
N TRP A 432 -22.14 2.20 16.90
CA TRP A 432 -21.61 3.46 16.37
C TRP A 432 -22.70 4.50 16.22
N HIS A 433 -23.87 4.21 16.79
CA HIS A 433 -25.04 5.06 16.64
C HIS A 433 -25.02 6.21 17.63
N VAL A 434 -24.06 6.16 18.55
CA VAL A 434 -23.84 7.22 19.53
C VAL A 434 -22.35 7.57 19.63
N GLU A 435 -22.06 8.83 19.90
CA GLU A 435 -20.69 9.27 20.10
C GLU A 435 -20.40 9.59 21.55
N ASP A 436 -19.15 9.42 21.96
CA ASP A 436 -18.73 9.78 23.31
C ASP A 436 -18.31 11.24 23.33
N VAL A 437 -19.23 12.11 23.73
CA VAL A 437 -18.94 13.52 23.83
C VAL A 437 -18.62 13.89 25.29
N VAL A 438 -17.51 14.61 25.49
CA VAL A 438 -17.11 15.02 26.82
C VAL A 438 -16.86 16.52 26.89
N HIS A 457 -11.82 16.17 20.40
CA HIS A 457 -11.34 15.26 19.37
C HIS A 457 -11.86 13.84 19.61
N PRO A 458 -13.17 13.63 19.47
CA PRO A 458 -13.76 12.32 19.81
C PRO A 458 -13.68 11.32 18.66
N THR A 459 -14.12 10.09 18.93
CA THR A 459 -14.28 9.10 17.88
C THR A 459 -15.55 9.39 17.10
N ARG A 460 -15.40 9.90 15.89
CA ARG A 460 -16.55 10.34 15.09
C ARG A 460 -17.23 9.19 14.38
N TYR A 461 -18.55 9.29 14.26
CA TYR A 461 -19.35 8.27 13.60
C TYR A 461 -20.28 8.89 12.57
N GLU A 462 -19.82 9.98 11.95
CA GLU A 462 -20.59 10.67 10.92
C GLU A 462 -20.51 9.91 9.61
N LEU A 463 -19.28 9.64 9.17
CA LEU A 463 -19.04 8.78 8.02
C LEU A 463 -18.38 7.50 8.54
N CYS A 464 -19.04 6.37 8.35
CA CYS A 464 -18.56 5.12 8.96
C CYS A 464 -18.11 4.07 7.96
N ILE A 465 -16.86 3.65 8.10
CA ILE A 465 -16.32 2.51 7.36
C ILE A 465 -15.69 1.54 8.34
N GLU A 466 -16.20 0.31 8.36
CA GLU A 466 -15.68 -0.68 9.27
C GLU A 466 -14.40 -1.31 8.74
N ASP A 467 -13.40 -1.44 9.60
CA ASP A 467 -12.21 -2.19 9.26
C ASP A 467 -12.50 -3.68 9.36
N PRO A 468 -12.18 -4.41 8.29
CA PRO A 468 -12.49 -5.85 8.19
C PRO A 468 -11.84 -6.72 9.27
N TYR A 469 -10.69 -6.33 9.80
CA TYR A 469 -9.99 -7.20 10.76
C TYR A 469 -9.69 -6.55 12.10
N GLU A 470 -9.67 -5.22 12.15
CA GLU A 470 -9.59 -4.52 13.42
C GLU A 470 -11.00 -4.22 13.89
N GLU A 471 -11.40 -4.79 15.04
CA GLU A 471 -12.76 -4.60 15.50
C GLU A 471 -12.95 -3.25 16.18
N ASN A 472 -14.17 -2.72 16.05
CA ASN A 472 -14.54 -1.43 16.63
C ASN A 472 -13.60 -0.32 16.22
N LEU A 473 -13.20 -0.33 14.95
CA LEU A 473 -12.38 0.73 14.40
C LEU A 473 -13.04 1.36 13.19
N ASN A 474 -13.47 2.61 13.34
CA ASN A 474 -14.03 3.36 12.22
C ASN A 474 -12.92 4.06 11.44
N LEU A 475 -12.83 3.76 10.15
CA LEU A 475 -11.83 4.39 9.30
C LEU A 475 -12.15 5.87 9.10
N GLY A 476 -13.35 6.28 9.48
CA GLY A 476 -13.74 7.68 9.41
C GLY A 476 -13.83 8.35 10.77
N ARG A 477 -13.13 7.80 11.76
CA ARG A 477 -13.23 8.25 13.16
C ARG A 477 -12.72 9.67 13.40
N HIS A 478 -11.95 10.20 12.47
CA HIS A 478 -11.42 11.55 12.60
C HIS A 478 -12.27 12.55 11.83
N ILE A 479 -13.36 12.07 11.24
CA ILE A 479 -14.18 12.90 10.36
C ILE A 479 -15.42 13.43 11.07
N GLY A 480 -15.35 14.70 11.47
CA GLY A 480 -16.49 15.37 12.06
C GLY A 480 -17.42 15.91 10.99
N VAL A 481 -18.49 16.59 11.39
CA VAL A 481 -19.57 16.94 10.49
C VAL A 481 -19.15 17.89 9.35
N THR A 482 -18.42 18.95 9.67
CA THR A 482 -17.96 19.85 8.62
C THR A 482 -16.98 19.13 7.69
N LYS A 483 -16.08 18.33 8.28
CA LYS A 483 -15.20 17.48 7.48
C LYS A 483 -16.02 16.56 6.58
N SER A 484 -17.07 15.99 7.15
CA SER A 484 -17.90 15.03 6.41
C SER A 484 -18.55 15.69 5.20
N LEU A 485 -19.01 16.93 5.36
CA LEU A 485 -19.70 17.60 4.27
C LEU A 485 -18.74 17.99 3.15
N ARG A 486 -17.48 18.20 3.48
CA ARG A 486 -16.44 18.44 2.48
C ARG A 486 -16.25 17.19 1.64
N VAL A 487 -16.33 16.03 2.29
CA VAL A 487 -16.29 14.75 1.59
C VAL A 487 -17.49 14.62 0.66
N ARG A 488 -18.68 14.91 1.19
CA ARG A 488 -19.92 14.83 0.41
C ARG A 488 -19.84 15.74 -0.81
N THR A 489 -19.21 16.91 -0.62
CA THR A 489 -19.00 17.85 -1.71
C THR A 489 -18.29 17.18 -2.87
N GLU A 490 -17.15 16.57 -2.58
CA GLU A 490 -16.31 15.95 -3.60
C GLU A 490 -17.01 14.80 -4.32
N LEU A 491 -17.85 14.06 -3.58
CA LEU A 491 -18.63 12.97 -4.16
C LEU A 491 -19.67 13.49 -5.15
N TYR A 492 -20.26 14.64 -4.83
CA TYR A 492 -21.17 15.30 -5.76
C TYR A 492 -20.42 15.76 -7.01
N ARG A 493 -19.23 16.34 -6.80
CA ARG A 493 -18.44 16.89 -7.89
C ARG A 493 -18.09 15.82 -8.91
N GLY A 494 -17.58 14.70 -8.43
CA GLY A 494 -17.19 13.60 -9.30
C GLY A 494 -18.35 13.01 -10.08
N LEU A 495 -19.50 12.97 -9.43
CA LEU A 495 -20.74 12.53 -10.07
C LEU A 495 -21.05 13.40 -11.28
N LEU A 496 -21.01 14.72 -11.07
CA LEU A 496 -21.29 15.67 -12.14
C LEU A 496 -20.21 15.61 -13.23
N SER A 497 -18.97 15.42 -12.82
CA SER A 497 -17.82 15.37 -13.74
C SER A 497 -17.97 14.33 -14.86
N LEU A 498 -18.43 13.14 -14.53
CA LEU A 498 -18.40 12.02 -15.45
C LEU A 498 -19.50 12.06 -16.51
N LEU A 499 -20.42 13.01 -16.39
CA LEU A 499 -21.51 13.13 -17.36
C LEU A 499 -21.17 14.12 -18.48
N LYS A 500 -20.09 14.87 -18.30
CA LYS A 500 -19.77 15.97 -19.20
C LYS A 500 -18.42 15.79 -19.92
N GLU A 501 -18.30 16.40 -21.10
CA GLU A 501 -17.06 16.34 -21.87
C GLU A 501 -16.24 17.62 -21.68
#